data_5Y6C
#
_entry.id   5Y6C
#
_cell.length_a   52.149
_cell.length_b   52.149
_cell.length_c   207.461
_cell.angle_alpha   90.000
_cell.angle_beta   90.000
_cell.angle_gamma   120.000
#
_symmetry.space_group_name_H-M   'P 31 2 1'
#
loop_
_entity.id
_entity.type
_entity.pdbx_description
1 polymer 'Helix-turn-helix domain-containing protein'
2 non-polymer 'CHLORIDE ION'
3 water water
#
_entity_poly.entity_id   1
_entity_poly.type   'polypeptide(L)'
_entity_poly.pdbx_seq_one_letter_code
;AMTDIPDRKEAVISLWPEFAKAIVSGKKTVEFRRRIPLPALSARIWIYATRPVKSVIGFAYLEAIVQGDVNTLWSRYGRE
AFLSEQQYRDYFEGTEKATAFLLRDHQPIRPINLDQLKEIRANFQPPQALTWLRKEETQKLVSLTSQVE
;
_entity_poly.pdbx_strand_id   A,B
#
loop_
_chem_comp.id
_chem_comp.type
_chem_comp.name
_chem_comp.formula
CL non-polymer 'CHLORIDE ION' 'Cl -1'
#
# COMPACT_ATOMS: atom_id res chain seq x y z
N ILE A 5 -17.17 12.17 -10.98
CA ILE A 5 -15.85 11.65 -11.32
C ILE A 5 -14.67 12.57 -11.07
N PRO A 6 -13.78 12.16 -10.18
CA PRO A 6 -12.66 12.98 -9.76
C PRO A 6 -11.65 13.30 -10.84
N ASP A 7 -11.17 14.51 -10.75
CA ASP A 7 -10.27 15.05 -11.70
C ASP A 7 -8.84 14.91 -11.29
N ARG A 8 -8.59 14.25 -10.16
CA ARG A 8 -7.25 14.13 -9.62
C ARG A 8 -6.48 15.40 -9.35
N LYS A 9 -7.14 16.50 -9.12
CA LYS A 9 -6.43 17.65 -8.58
C LYS A 9 -6.39 17.62 -7.04
N GLU A 10 -7.18 16.75 -6.40
CA GLU A 10 -7.18 16.56 -4.95
C GLU A 10 -7.00 15.07 -4.62
N ALA A 11 -5.99 14.75 -3.81
CA ALA A 11 -5.57 13.39 -3.57
C ALA A 11 -5.04 13.26 -2.16
N VAL A 12 -5.13 12.02 -1.62
CA VAL A 12 -4.55 11.69 -0.34
C VAL A 12 -3.53 10.58 -0.55
N ILE A 13 -2.41 10.64 0.18
CA ILE A 13 -1.39 9.64 0.16
C ILE A 13 -1.04 9.27 1.60
N SER A 14 -0.67 8.00 1.82
CA SER A 14 -0.30 7.46 3.12
C SER A 14 1.20 7.37 3.27
N LEU A 15 1.72 7.91 4.36
CA LEU A 15 3.10 7.74 4.75
C LEU A 15 3.18 7.36 6.22
N TRP A 16 4.24 6.65 6.57
CA TRP A 16 4.59 6.50 7.96
C TRP A 16 4.87 7.85 8.61
N PRO A 17 4.54 8.00 9.88
CA PRO A 17 4.55 9.31 10.50
C PRO A 17 5.85 10.08 10.40
N GLU A 18 6.99 9.45 10.50
CA GLU A 18 8.25 10.17 10.37
C GLU A 18 8.43 10.79 8.95
N PHE A 19 7.99 10.10 7.94
CA PHE A 19 8.06 10.65 6.59
C PHE A 19 6.97 11.68 6.32
N ALA A 20 5.79 11.47 6.92
CA ALA A 20 4.72 12.43 6.79
C ALA A 20 5.11 13.77 7.40
N LYS A 21 5.74 13.73 8.57
CA LYS A 21 6.23 14.95 9.20
C LYS A 21 7.36 15.60 8.39
N ALA A 22 8.28 14.81 7.87
CA ALA A 22 9.33 15.40 7.06
C ALA A 22 8.72 16.18 5.90
N ILE A 23 7.55 15.75 5.43
CA ILE A 23 6.96 16.39 4.24
C ILE A 23 6.24 17.66 4.64
N VAL A 24 5.32 17.58 5.60
CA VAL A 24 4.62 18.79 5.98
C VAL A 24 5.56 19.83 6.60
N SER A 25 6.77 19.44 6.99
CA SER A 25 7.73 20.43 7.46
C SER A 25 8.69 20.94 6.38
N GLY A 26 8.56 20.48 5.13
CA GLY A 26 9.39 20.95 4.04
C GLY A 26 10.73 20.27 3.93
N LYS A 27 11.05 19.36 4.83
CA LYS A 27 12.29 18.57 4.81
C LYS A 27 12.45 17.58 3.69
N LYS A 28 11.37 16.87 3.44
CA LYS A 28 11.32 15.85 2.44
C LYS A 28 10.46 16.37 1.30
N THR A 29 11.09 16.63 0.18
CA THR A 29 10.43 17.20 -0.96
C THR A 29 10.31 16.21 -2.10
N VAL A 30 10.64 14.94 -1.89
CA VAL A 30 10.46 13.91 -2.91
C VAL A 30 9.86 12.68 -2.27
N GLU A 31 8.83 12.15 -2.88
CA GLU A 31 8.25 10.88 -2.56
C GLU A 31 8.37 9.90 -3.72
N PHE A 32 8.93 8.75 -3.45
CA PHE A 32 9.11 7.72 -4.44
C PHE A 32 8.01 6.68 -4.33
N ARG A 33 7.44 6.29 -5.44
CA ARG A 33 6.51 5.21 -5.52
C ARG A 33 6.83 4.41 -6.74
N ARG A 34 6.22 3.28 -6.86
CA ARG A 34 6.31 2.44 -8.02
C ARG A 34 5.43 3.09 -9.09
N ARG A 35 5.21 2.44 -10.21
CA ARG A 35 4.38 3.02 -11.27
C ARG A 35 2.94 2.83 -11.00
N ILE A 36 2.35 3.84 -10.40
CA ILE A 36 1.01 3.89 -9.91
C ILE A 36 0.16 4.85 -10.70
N PRO A 37 -1.12 4.78 -10.54
CA PRO A 37 -1.98 5.73 -11.23
C PRO A 37 -1.71 7.16 -10.79
N LEU A 38 -1.65 8.05 -11.75
CA LEU A 38 -1.13 9.35 -11.51
C LEU A 38 -2.11 10.46 -11.25
N PRO A 39 -1.65 11.37 -10.29
CA PRO A 39 -2.47 12.56 -10.17
C PRO A 39 -2.26 13.53 -11.30
N ALA A 40 -3.11 14.52 -11.32
CA ALA A 40 -2.93 15.65 -12.13
C ALA A 40 -1.68 16.34 -11.69
N LEU A 41 -1.06 17.00 -12.64
CA LEU A 41 0.13 17.78 -12.44
C LEU A 41 -0.06 18.87 -11.46
N SER A 42 -1.21 19.51 -11.44
CA SER A 42 -1.39 20.64 -10.56
C SER A 42 -1.99 20.31 -9.17
N ALA A 43 -2.06 19.04 -8.80
CA ALA A 43 -2.70 18.56 -7.60
C ALA A 43 -2.18 18.90 -6.24
N ARG A 44 -3.11 19.15 -5.34
CA ARG A 44 -2.84 19.17 -3.94
C ARG A 44 -2.77 17.71 -3.40
N ILE A 45 -1.70 17.36 -2.71
CA ILE A 45 -1.55 16.05 -2.10
C ILE A 45 -1.72 16.18 -0.60
N TRP A 46 -2.86 15.76 -0.09
CA TRP A 46 -3.05 15.70 1.35
C TRP A 46 -2.31 14.50 1.92
N ILE A 47 -1.68 14.68 3.06
CA ILE A 47 -0.69 13.77 3.59
C ILE A 47 -1.27 13.08 4.81
N TYR A 48 -1.48 11.80 4.70
CA TYR A 48 -2.05 11.03 5.76
C TYR A 48 -0.94 10.25 6.47
N ALA A 49 -0.81 10.46 7.78
CA ALA A 49 0.15 9.76 8.60
C ALA A 49 -0.50 8.54 9.24
N THR A 50 0.10 7.39 9.11
CA THR A 50 -0.38 6.12 9.61
C THR A 50 -0.12 5.97 11.10
N ARG A 51 -0.42 4.82 11.67
CA ARG A 51 -0.29 4.57 13.08
C ARG A 51 1.09 4.90 13.59
N PRO A 52 1.17 5.52 14.74
CA PRO A 52 0.00 5.77 15.56
C PRO A 52 -0.75 7.08 15.36
N VAL A 53 -0.32 7.98 14.50
CA VAL A 53 -1.01 9.21 14.25
C VAL A 53 -2.38 9.09 13.65
N LYS A 54 -2.55 8.28 12.62
CA LYS A 54 -3.85 8.04 11.99
C LYS A 54 -4.60 9.35 11.68
N SER A 55 -3.91 10.28 11.01
CA SER A 55 -4.48 11.58 10.67
C SER A 55 -3.87 12.16 9.40
N VAL A 56 -4.60 13.10 8.82
CA VAL A 56 -4.07 13.99 7.79
C VAL A 56 -3.40 15.18 8.50
N ILE A 57 -2.11 15.39 8.23
CA ILE A 57 -1.37 16.39 9.02
C ILE A 57 -0.88 17.56 8.17
N GLY A 58 -1.38 17.67 6.96
CA GLY A 58 -0.96 18.76 6.10
C GLY A 58 -1.13 18.36 4.66
N PHE A 59 -0.73 19.26 3.77
CA PHE A 59 -0.76 18.97 2.37
C PHE A 59 0.45 19.58 1.70
N ALA A 60 0.64 19.24 0.44
CA ALA A 60 1.67 19.85 -0.33
C ALA A 60 1.27 19.78 -1.78
N TYR A 61 1.98 20.53 -2.60
CA TYR A 61 1.71 20.58 -4.01
C TYR A 61 2.80 19.90 -4.81
N LEU A 62 2.44 19.56 -6.02
CA LEU A 62 3.16 18.69 -6.90
C LEU A 62 3.83 19.56 -7.94
N GLU A 63 5.14 19.75 -7.80
CA GLU A 63 5.78 20.60 -8.78
C GLU A 63 6.22 19.81 -10.00
N ALA A 64 6.41 18.51 -9.85
CA ALA A 64 6.79 17.73 -10.99
C ALA A 64 6.56 16.25 -10.74
N ILE A 65 6.36 15.49 -11.83
CA ILE A 65 6.29 14.04 -11.79
C ILE A 65 7.39 13.49 -12.67
N VAL A 66 8.21 12.60 -12.09
CA VAL A 66 9.33 11.97 -12.76
C VAL A 66 9.09 10.46 -12.76
N GLN A 67 9.15 9.84 -13.93
CA GLN A 67 9.25 8.41 -14.06
C GLN A 67 10.50 8.10 -14.85
N GLY A 68 11.20 7.05 -14.43
CA GLY A 68 12.45 6.65 -15.05
C GLY A 68 13.12 5.54 -14.26
N ASP A 69 14.38 5.30 -14.64
CA ASP A 69 15.13 4.19 -14.11
C ASP A 69 15.47 4.39 -12.63
N VAL A 70 15.43 3.31 -11.88
CA VAL A 70 15.54 3.31 -10.43
C VAL A 70 16.85 3.89 -9.92
N ASN A 71 17.97 3.52 -10.51
CA ASN A 71 19.24 4.08 -10.18
C ASN A 71 19.40 5.55 -10.46
N THR A 72 18.90 6.00 -11.57
CA THR A 72 18.93 7.36 -11.96
C THR A 72 18.18 8.23 -10.98
N LEU A 73 17.03 7.78 -10.57
CA LEU A 73 16.19 8.52 -9.67
C LEU A 73 16.74 8.70 -8.28
N TRP A 74 17.41 7.68 -7.75
CA TRP A 74 18.04 7.79 -6.50
C TRP A 74 19.20 8.78 -6.53
N SER A 75 20.14 8.69 -7.67
N SER A 75 19.95 8.73 -7.60
CA SER A 75 21.25 9.64 -7.78
CA SER A 75 21.10 9.55 -7.79
C SER A 75 20.77 11.08 -7.90
C SER A 75 20.72 11.02 -7.84
N ARG A 76 19.59 11.29 -8.46
CA ARG A 76 19.05 12.63 -8.64
C ARG A 76 18.23 13.19 -7.50
N TYR A 77 17.34 12.39 -6.91
CA TYR A 77 16.43 12.95 -5.92
C TYR A 77 16.50 12.28 -4.57
N GLY A 78 17.41 11.35 -4.36
CA GLY A 78 17.33 10.51 -3.17
C GLY A 78 17.57 11.28 -1.89
N ARG A 79 18.42 12.28 -1.95
CA ARG A 79 18.67 13.11 -0.79
C ARG A 79 17.45 13.89 -0.32
N GLU A 80 16.71 14.44 -1.27
CA GLU A 80 15.44 15.10 -1.00
C GLU A 80 14.32 14.13 -0.58
N ALA A 81 14.56 12.84 -0.70
CA ALA A 81 13.55 11.87 -0.34
C ALA A 81 13.66 11.37 1.08
N PHE A 82 14.72 11.77 1.77
CA PHE A 82 14.80 11.65 3.22
C PHE A 82 14.92 10.20 3.66
N LEU A 83 14.99 9.26 2.75
CA LEU A 83 15.17 7.87 3.14
C LEU A 83 16.57 7.42 2.73
N SER A 84 16.93 6.27 3.23
CA SER A 84 18.28 5.80 3.01
C SER A 84 18.32 4.97 1.75
N GLU A 85 19.52 4.77 1.24
CA GLU A 85 19.70 4.03 0.05
C GLU A 85 19.20 2.63 0.20
N GLN A 86 19.35 2.09 1.39
CA GLN A 86 18.91 0.73 1.68
C GLN A 86 17.39 0.63 1.62
N GLN A 87 16.69 1.54 2.29
CA GLN A 87 15.24 1.56 2.26
C GLN A 87 14.72 1.69 0.83
N TYR A 88 15.30 2.58 0.06
CA TYR A 88 14.91 2.79 -1.32
C TYR A 88 15.14 1.53 -2.14
N ARG A 89 16.27 0.90 -1.91
CA ARG A 89 16.63 -0.30 -2.62
C ARG A 89 15.74 -1.52 -2.32
N ASP A 90 15.35 -1.72 -1.06
CA ASP A 90 14.44 -2.78 -0.66
C ASP A 90 13.05 -2.58 -1.25
N TYR A 91 12.61 -1.34 -1.26
CA TYR A 91 11.31 -0.99 -1.79
C TYR A 91 11.20 -1.25 -3.28
N PHE A 92 12.21 -0.84 -4.05
CA PHE A 92 12.14 -0.91 -5.50
C PHE A 92 12.74 -2.16 -6.05
N GLU A 93 13.14 -3.06 -5.16
CA GLU A 93 13.54 -4.38 -5.58
C GLU A 93 12.43 -5.07 -6.36
N GLY A 94 12.81 -5.72 -7.45
CA GLY A 94 11.82 -6.34 -8.29
C GLY A 94 11.20 -5.45 -9.34
N THR A 95 11.71 -4.22 -9.52
CA THR A 95 11.23 -3.38 -10.59
C THR A 95 12.39 -2.54 -11.08
N GLU A 96 12.27 -2.05 -12.31
CA GLU A 96 13.30 -1.19 -12.87
C GLU A 96 12.88 0.27 -13.06
N LYS A 97 11.58 0.58 -12.97
CA LYS A 97 11.07 1.93 -13.16
C LYS A 97 10.48 2.46 -11.87
N ALA A 98 10.84 3.69 -11.52
CA ALA A 98 10.26 4.35 -10.37
C ALA A 98 9.54 5.61 -10.76
N THR A 99 8.76 6.11 -9.81
CA THR A 99 8.06 7.37 -9.90
C THR A 99 8.61 8.24 -8.80
N ALA A 100 8.90 9.50 -9.11
CA ALA A 100 9.25 10.47 -8.10
C ALA A 100 8.27 11.63 -8.18
N PHE A 101 7.70 11.98 -7.04
CA PHE A 101 6.84 13.15 -6.92
C PHE A 101 7.65 14.28 -6.32
N LEU A 102 7.77 15.37 -7.06
CA LEU A 102 8.47 16.53 -6.58
C LEU A 102 7.46 17.51 -6.00
N LEU A 103 7.74 17.94 -4.78
CA LEU A 103 6.79 18.56 -3.90
C LEU A 103 7.19 19.99 -3.64
N ARG A 104 6.19 20.83 -3.42
CA ARG A 104 6.44 22.21 -3.06
C ARG A 104 5.25 22.73 -2.27
N ASP A 105 5.49 23.86 -1.59
CA ASP A 105 4.47 24.59 -0.86
C ASP A 105 3.78 23.69 0.17
N HIS A 106 4.59 23.01 0.96
CA HIS A 106 4.08 22.19 2.05
C HIS A 106 3.35 23.08 3.07
N GLN A 107 2.34 22.52 3.71
CA GLN A 107 1.53 23.26 4.65
C GLN A 107 1.19 22.31 5.81
N PRO A 108 1.80 22.47 6.99
CA PRO A 108 1.30 21.74 8.15
C PRO A 108 -0.03 22.29 8.60
N ILE A 109 -0.90 21.39 9.08
CA ILE A 109 -2.20 21.76 9.61
C ILE A 109 -2.42 20.98 10.90
N ARG A 110 -3.42 21.35 11.60
CA ARG A 110 -3.70 20.52 12.78
C ARG A 110 -4.49 19.29 12.39
N PRO A 111 -4.23 18.18 13.08
CA PRO A 111 -4.54 16.86 12.52
C PRO A 111 -6.01 16.62 12.34
N ILE A 112 -6.36 16.06 11.18
CA ILE A 112 -7.73 15.65 10.92
C ILE A 112 -7.73 14.15 11.12
N ASN A 113 -8.33 13.71 12.24
CA ASN A 113 -8.13 12.32 12.59
C ASN A 113 -8.99 11.44 11.70
N LEU A 114 -8.74 10.15 11.83
CA LEU A 114 -9.36 9.14 10.98
C LEU A 114 -10.87 9.11 11.12
N ASP A 115 -11.38 9.38 12.33
CA ASP A 115 -12.83 9.44 12.52
C ASP A 115 -13.45 10.58 11.72
N GLN A 116 -12.80 11.73 11.68
CA GLN A 116 -13.35 12.81 10.86
C GLN A 116 -13.29 12.49 9.39
N LEU A 117 -12.35 11.65 8.98
CA LEU A 117 -12.23 11.35 7.56
C LEU A 117 -13.31 10.38 7.12
N LYS A 118 -13.68 9.45 8.00
CA LYS A 118 -14.78 8.56 7.67
C LYS A 118 -16.11 9.27 7.73
N GLU A 119 -16.15 10.40 8.43
CA GLU A 119 -17.24 11.35 8.43
C GLU A 119 -17.39 12.06 7.08
N ILE A 120 -16.28 12.29 6.42
CA ILE A 120 -16.26 12.84 5.08
C ILE A 120 -16.43 11.74 4.03
N ARG A 121 -15.69 10.66 4.14
CA ARG A 121 -15.94 9.53 3.26
C ARG A 121 -16.20 8.26 4.07
N ALA A 122 -17.43 7.77 3.95
CA ALA A 122 -17.95 6.75 4.86
C ALA A 122 -17.03 5.56 5.02
N ASN A 123 -16.34 5.14 3.95
CA ASN A 123 -15.57 3.91 4.02
C ASN A 123 -14.13 4.18 3.71
N PHE A 124 -13.64 5.27 4.28
CA PHE A 124 -12.27 5.64 4.05
C PHE A 124 -11.34 4.53 4.50
N GLN A 125 -10.57 3.99 3.56
CA GLN A 125 -9.37 3.22 3.88
C GLN A 125 -8.12 4.04 3.53
N PRO A 126 -7.10 4.06 4.39
CA PRO A 126 -5.81 4.73 4.02
C PRO A 126 -5.24 4.18 2.71
N PRO A 127 -4.93 5.07 1.76
CA PRO A 127 -4.58 4.62 0.40
C PRO A 127 -3.27 3.87 0.36
N GLN A 128 -3.29 2.71 -0.27
CA GLN A 128 -2.10 1.94 -0.61
C GLN A 128 -1.21 2.72 -1.59
N ALA A 129 -1.84 3.45 -2.50
CA ALA A 129 -1.16 4.40 -3.40
C ALA A 129 -1.76 5.77 -3.15
N LEU A 130 -2.46 6.36 -4.15
CA LEU A 130 -3.16 7.64 -4.01
C LEU A 130 -4.65 7.40 -4.09
N THR A 131 -5.43 8.11 -3.30
CA THR A 131 -6.83 8.15 -3.58
C THR A 131 -7.25 9.55 -3.98
N TRP A 132 -8.16 9.65 -4.95
CA TRP A 132 -8.63 10.92 -5.49
C TRP A 132 -9.83 11.41 -4.69
N LEU A 133 -9.87 12.68 -4.41
CA LEU A 133 -10.96 13.18 -3.61
C LEU A 133 -12.08 13.70 -4.46
N ARG A 134 -13.29 13.52 -4.02
CA ARG A 134 -14.43 14.12 -4.65
C ARG A 134 -14.56 15.56 -4.22
N LYS A 135 -15.25 16.33 -5.01
CA LYS A 135 -15.47 17.73 -4.78
C LYS A 135 -16.08 17.99 -3.42
N GLU A 136 -17.09 17.26 -3.11
CA GLU A 136 -17.80 17.36 -1.90
C GLU A 136 -16.88 17.04 -0.72
N GLU A 137 -16.02 16.08 -0.95
CA GLU A 137 -15.02 15.64 0.03
C GLU A 137 -13.94 16.70 0.27
N THR A 138 -13.44 17.30 -0.80
CA THR A 138 -12.41 18.32 -0.67
C THR A 138 -12.91 19.50 0.15
N GLN A 139 -14.13 19.94 -0.12
CA GLN A 139 -14.70 21.06 0.62
C GLN A 139 -14.74 20.79 2.13
N LYS A 140 -15.11 19.59 2.50
CA LYS A 140 -15.14 19.24 3.89
C LYS A 140 -13.79 19.16 4.49
N LEU A 141 -12.83 18.67 3.75
CA LEU A 141 -11.50 18.59 4.25
C LEU A 141 -10.89 19.95 4.53
N VAL A 142 -11.15 20.87 3.62
CA VAL A 142 -10.78 22.25 3.69
C VAL A 142 -11.47 22.95 4.82
N SER A 143 -12.73 22.65 5.03
CA SER A 143 -13.44 23.22 6.12
C SER A 143 -12.83 22.87 7.46
N LEU A 144 -12.31 21.68 7.63
CA LEU A 144 -11.64 21.31 8.83
C LEU A 144 -10.23 21.81 8.93
N THR A 145 -9.71 22.36 7.87
CA THR A 145 -8.34 22.79 7.85
C THR A 145 -8.08 24.00 8.72
N SER A 146 -6.94 23.99 9.36
CA SER A 146 -6.55 25.02 10.24
C SER A 146 -5.05 25.06 10.29
N ILE B 5 18.66 -12.31 8.58
CA ILE B 5 17.62 -11.87 7.66
C ILE B 5 16.63 -12.91 7.10
N PRO B 6 15.39 -12.51 7.03
CA PRO B 6 14.32 -13.40 6.65
C PRO B 6 14.45 -14.00 5.27
N ASP B 7 14.02 -15.24 5.18
CA ASP B 7 14.11 -16.00 4.00
C ASP B 7 12.89 -15.88 3.13
N ARG B 8 11.95 -15.12 3.63
CA ARG B 8 10.72 -14.80 2.95
C ARG B 8 9.86 -15.97 2.68
N LYS B 9 9.87 -16.90 3.58
CA LYS B 9 9.02 -18.04 3.50
C LYS B 9 7.77 -17.83 4.33
N GLU B 10 7.80 -16.79 5.12
CA GLU B 10 6.66 -16.36 5.93
C GLU B 10 6.42 -14.87 5.70
N ALA B 11 5.20 -14.52 5.33
CA ALA B 11 4.89 -13.17 4.89
C ALA B 11 3.47 -12.83 5.24
N VAL B 12 3.21 -11.55 5.42
CA VAL B 12 1.88 -11.04 5.66
C VAL B 12 1.53 -10.09 4.52
N ILE B 13 0.28 -10.12 4.07
CA ILE B 13 -0.21 -9.23 3.06
C ILE B 13 -1.51 -8.63 3.57
N SER B 14 -1.82 -7.43 3.15
CA SER B 14 -3.03 -6.75 3.49
C SER B 14 -4.07 -6.67 2.40
N LEU B 15 -5.30 -6.99 2.73
CA LEU B 15 -6.43 -6.91 1.86
C LEU B 15 -7.66 -6.31 2.54
N TRP B 16 -8.54 -5.73 1.76
CA TRP B 16 -9.83 -5.34 2.24
C TRP B 16 -10.60 -6.58 2.65
N PRO B 17 -11.44 -6.43 3.65
CA PRO B 17 -12.07 -7.56 4.33
C PRO B 17 -12.89 -8.49 3.46
N GLU B 18 -13.61 -7.99 2.48
CA GLU B 18 -14.28 -8.85 1.54
C GLU B 18 -13.29 -9.73 0.73
N PHE B 19 -12.14 -9.19 0.34
CA PHE B 19 -11.15 -9.97 -0.42
C PHE B 19 -10.33 -10.90 0.46
N ALA B 20 -10.06 -10.48 1.68
CA ALA B 20 -9.39 -11.36 2.62
C ALA B 20 -10.22 -12.59 2.93
N LYS B 21 -11.54 -12.39 3.11
CA LYS B 21 -12.43 -13.53 3.31
C LYS B 21 -12.54 -14.42 2.06
N ALA B 22 -12.63 -13.83 0.88
CA ALA B 22 -12.68 -14.65 -0.32
C ALA B 22 -11.46 -15.56 -0.41
N ILE B 23 -10.32 -15.11 0.14
CA ILE B 23 -9.11 -15.92 0.08
C ILE B 23 -9.16 -17.01 1.13
N VAL B 24 -9.38 -16.66 2.40
CA VAL B 24 -9.32 -17.72 3.41
C VAL B 24 -10.45 -18.73 3.23
N SER B 25 -11.47 -18.40 2.44
CA SER B 25 -12.50 -19.38 2.12
C SER B 25 -12.26 -20.16 0.82
N GLY B 26 -11.15 -19.92 0.12
CA GLY B 26 -10.84 -20.66 -1.08
C GLY B 26 -11.49 -20.14 -2.33
N LYS B 27 -12.35 -19.15 -2.19
CA LYS B 27 -13.03 -18.48 -3.28
C LYS B 27 -12.15 -17.65 -4.24
N LYS B 28 -11.19 -16.96 -3.69
CA LYS B 28 -10.26 -16.15 -4.44
C LYS B 28 -8.91 -16.82 -4.36
N THR B 29 -8.42 -17.30 -5.49
CA THR B 29 -7.18 -18.01 -5.54
C THR B 29 -6.10 -17.23 -6.30
N VAL B 30 -6.33 -15.96 -6.62
CA VAL B 30 -5.33 -15.14 -7.28
C VAL B 30 -5.36 -13.75 -6.65
N GLU B 31 -4.19 -13.18 -6.40
CA GLU B 31 -4.05 -11.86 -5.87
C GLU B 31 -3.09 -11.10 -6.77
N PHE B 32 -3.60 -10.07 -7.44
CA PHE B 32 -2.84 -9.23 -8.34
C PHE B 32 -2.16 -8.14 -7.54
N ARG B 33 -0.87 -7.93 -7.81
CA ARG B 33 -0.16 -6.75 -7.35
C ARG B 33 0.65 -6.19 -8.48
N ARG B 34 1.23 -5.04 -8.27
CA ARG B 34 2.22 -4.41 -9.17
C ARG B 34 3.58 -5.12 -9.00
N ARG B 35 4.64 -4.69 -9.66
CA ARG B 35 5.92 -5.38 -9.56
C ARG B 35 6.63 -4.98 -8.34
N ILE B 36 6.50 -5.84 -7.34
CA ILE B 36 6.86 -5.64 -5.98
C ILE B 36 7.85 -6.67 -5.50
N PRO B 37 8.50 -6.42 -4.39
CA PRO B 37 9.55 -7.37 -3.91
C PRO B 37 9.06 -8.79 -3.62
N LEU B 38 9.71 -9.86 -3.97
CA LEU B 38 8.84 -11.03 -4.04
C LEU B 38 9.10 -11.98 -2.87
N PRO B 39 8.10 -12.76 -2.51
CA PRO B 39 8.27 -13.84 -1.55
C PRO B 39 8.92 -15.05 -2.16
N ALA B 40 9.40 -15.94 -1.34
CA ALA B 40 9.89 -17.22 -1.75
C ALA B 40 8.74 -17.98 -2.30
N LEU B 41 9.04 -18.83 -3.26
CA LEU B 41 8.04 -19.63 -3.94
C LEU B 41 7.36 -20.55 -2.92
N SER B 42 8.11 -20.92 -1.93
CA SER B 42 7.62 -21.75 -0.89
C SER B 42 6.64 -21.14 0.13
N ALA B 43 6.42 -19.84 0.13
CA ALA B 43 5.88 -19.10 1.24
C ALA B 43 4.49 -19.41 1.71
N ARG B 44 4.36 -19.35 3.02
CA ARG B 44 3.05 -19.15 3.60
C ARG B 44 2.74 -17.65 3.61
N ILE B 45 1.57 -17.29 3.12
CA ILE B 45 1.12 -15.90 3.09
C ILE B 45 0.01 -15.75 4.12
N TRP B 46 0.31 -15.08 5.22
CA TRP B 46 -0.70 -14.74 6.20
C TRP B 46 -1.50 -13.54 5.74
N ILE B 47 -2.81 -13.60 5.94
CA ILE B 47 -3.78 -12.72 5.30
C ILE B 47 -4.32 -11.76 6.34
N TYR B 48 -3.93 -10.53 6.25
CA TYR B 48 -4.38 -9.51 7.15
C TYR B 48 -5.55 -8.74 6.53
N ALA B 49 -6.70 -8.75 7.20
CA ALA B 49 -7.86 -7.99 6.77
C ALA B 49 -7.88 -6.61 7.42
N THR B 50 -8.05 -5.58 6.61
CA THR B 50 -7.96 -4.22 7.13
C THR B 50 -9.28 -3.85 7.83
N ARG B 51 -9.45 -2.59 8.13
CA ARG B 51 -10.65 -2.11 8.72
C ARG B 51 -11.89 -2.41 7.97
N PRO B 52 -12.88 -2.81 8.72
CA PRO B 52 -12.86 -2.74 10.20
C PRO B 52 -12.40 -4.00 10.98
N VAL B 53 -11.96 -5.03 10.26
CA VAL B 53 -11.63 -6.30 10.90
C VAL B 53 -10.29 -6.19 11.63
N LYS B 54 -9.28 -5.60 10.99
CA LYS B 54 -8.01 -5.31 11.64
C LYS B 54 -7.42 -6.57 12.26
N SER B 55 -7.42 -7.67 11.50
CA SER B 55 -6.89 -8.93 12.00
C SER B 55 -6.30 -9.79 10.89
N VAL B 56 -5.44 -10.71 11.28
CA VAL B 56 -5.04 -11.84 10.44
C VAL B 56 -6.10 -12.93 10.56
N ILE B 57 -6.70 -13.33 9.43
CA ILE B 57 -7.85 -14.22 9.51
C ILE B 57 -7.56 -15.59 8.90
N GLY B 58 -6.32 -15.88 8.57
CA GLY B 58 -5.98 -17.14 7.95
C GLY B 58 -4.73 -16.98 7.12
N PHE B 59 -4.35 -18.05 6.44
CA PHE B 59 -3.19 -18.01 5.58
C PHE B 59 -3.46 -18.86 4.34
N ALA B 60 -2.52 -18.77 3.40
CA ALA B 60 -2.58 -19.60 2.23
C ALA B 60 -1.18 -19.77 1.71
N TYR B 61 -1.04 -20.73 0.81
CA TYR B 61 0.24 -21.02 0.23
C TYR B 61 0.26 -20.61 -1.22
N LEU B 62 1.48 -20.46 -1.70
CA LEU B 62 1.81 -19.86 -2.97
C LEU B 62 2.13 -21.00 -3.90
N GLU B 63 1.24 -21.26 -4.84
CA GLU B 63 1.55 -22.31 -5.77
C GLU B 63 2.32 -21.78 -6.98
N ALA B 64 2.18 -20.51 -7.30
CA ALA B 64 2.96 -19.98 -8.39
C ALA B 64 3.01 -18.48 -8.31
N ILE B 65 4.05 -17.91 -8.93
CA ILE B 65 4.17 -16.49 -9.15
C ILE B 65 4.26 -16.25 -10.65
N VAL B 66 3.43 -15.32 -11.12
CA VAL B 66 3.34 -14.95 -12.52
C VAL B 66 3.62 -13.45 -12.60
N GLN B 67 4.56 -13.06 -13.45
CA GLN B 67 4.73 -11.71 -13.90
C GLN B 67 4.60 -11.67 -15.41
N GLY B 68 3.90 -10.64 -15.89
CA GLY B 68 3.67 -10.51 -17.31
C GLY B 68 2.79 -9.32 -17.61
N ASP B 69 2.33 -9.29 -18.85
CA ASP B 69 1.55 -8.16 -19.33
C ASP B 69 0.19 -8.10 -18.67
N VAL B 70 -0.27 -6.88 -18.45
CA VAL B 70 -1.46 -6.62 -17.65
C VAL B 70 -2.69 -7.30 -18.27
N ASN B 71 -2.87 -7.14 -19.59
CA ASN B 71 -4.09 -7.68 -20.21
C ASN B 71 -4.04 -9.19 -20.33
N THR B 72 -2.86 -9.72 -20.59
CA THR B 72 -2.63 -11.16 -20.53
C THR B 72 -3.05 -11.72 -19.17
N LEU B 73 -2.56 -11.12 -18.09
CA LEU B 73 -2.82 -11.67 -16.75
C LEU B 73 -4.29 -11.64 -16.36
N TRP B 74 -5.05 -10.68 -16.92
CA TRP B 74 -6.47 -10.60 -16.65
C TRP B 74 -7.26 -11.65 -17.41
N SER B 75 -6.96 -11.84 -18.70
N SER B 75 -6.97 -11.83 -18.72
CA SER B 75 -7.62 -12.91 -19.46
CA SER B 75 -7.61 -12.91 -19.47
C SER B 75 -7.38 -14.30 -18.87
C SER B 75 -7.38 -14.29 -18.86
N ARG B 76 -6.26 -14.49 -18.18
CA ARG B 76 -5.89 -15.80 -17.68
C ARG B 76 -6.32 -16.11 -16.28
N TYR B 77 -6.16 -15.13 -15.41
CA TYR B 77 -6.38 -15.30 -14.03
C TYR B 77 -7.44 -14.43 -13.41
N GLY B 78 -8.12 -13.64 -14.20
CA GLY B 78 -9.15 -12.75 -13.72
C GLY B 78 -10.34 -13.41 -13.07
N ARG B 79 -10.75 -14.53 -13.60
CA ARG B 79 -11.86 -15.24 -13.02
C ARG B 79 -11.54 -15.70 -11.63
N GLU B 80 -10.32 -16.13 -11.36
CA GLU B 80 -9.92 -16.50 -10.01
C GLU B 80 -9.61 -15.36 -9.01
N ALA B 81 -9.55 -14.11 -9.45
CA ALA B 81 -9.10 -13.01 -8.60
C ALA B 81 -10.24 -12.26 -7.95
N PHE B 82 -11.46 -12.60 -8.33
CA PHE B 82 -12.64 -12.20 -7.58
C PHE B 82 -12.90 -10.72 -7.68
N LEU B 83 -12.14 -9.99 -8.47
CA LEU B 83 -12.44 -8.59 -8.63
C LEU B 83 -12.93 -8.36 -10.05
N SER B 84 -13.45 -7.18 -10.28
CA SER B 84 -14.02 -6.89 -11.56
C SER B 84 -12.96 -6.34 -12.49
N GLU B 85 -13.30 -6.34 -13.76
CA GLU B 85 -12.38 -5.88 -14.78
C GLU B 85 -12.09 -4.39 -14.61
N GLN B 86 -13.09 -3.66 -14.11
CA GLN B 86 -12.93 -2.24 -13.84
C GLN B 86 -11.93 -2.02 -12.70
N GLN B 87 -12.13 -2.71 -11.58
CA GLN B 87 -11.23 -2.56 -10.43
C GLN B 87 -9.80 -2.87 -10.83
N TYR B 88 -9.62 -3.95 -11.58
CA TYR B 88 -8.30 -4.35 -12.02
C TYR B 88 -7.68 -3.31 -12.92
N ARG B 89 -8.43 -2.80 -13.86
CA ARG B 89 -7.96 -1.74 -14.71
C ARG B 89 -7.65 -0.40 -14.05
N ASP B 90 -8.41 0.03 -13.06
CA ASP B 90 -8.06 1.24 -12.31
C ASP B 90 -6.75 1.06 -11.54
N TYR B 91 -6.59 -0.11 -10.95
CA TYR B 91 -5.42 -0.43 -10.15
C TYR B 91 -4.14 -0.44 -10.97
N PHE B 92 -4.18 -1.07 -12.12
CA PHE B 92 -3.00 -1.26 -12.94
C PHE B 92 -2.81 -0.18 -13.97
N GLU B 93 -3.66 0.82 -13.92
CA GLU B 93 -3.48 1.99 -14.75
C GLU B 93 -2.13 2.62 -14.47
N GLY B 94 -1.45 3.05 -15.52
CA GLY B 94 -0.12 3.60 -15.34
C GLY B 94 1.01 2.59 -15.29
N THR B 95 0.75 1.29 -15.54
CA THR B 95 1.84 0.32 -15.66
C THR B 95 1.46 -0.71 -16.71
N GLU B 96 2.46 -1.44 -17.20
CA GLU B 96 2.21 -2.47 -18.18
C GLU B 96 2.50 -3.90 -17.72
N LYS B 97 3.16 -4.07 -16.57
CA LYS B 97 3.48 -5.37 -16.01
C LYS B 97 2.75 -5.58 -14.69
N ALA B 98 2.15 -6.75 -14.52
CA ALA B 98 1.53 -7.10 -13.27
C ALA B 98 2.13 -8.38 -12.71
N THR B 99 1.82 -8.61 -11.44
CA THR B 99 2.22 -9.78 -10.71
C THR B 99 0.94 -10.50 -10.31
N ALA B 100 0.92 -11.83 -10.47
CA ALA B 100 -0.18 -12.64 -10.02
C ALA B 100 0.35 -13.72 -9.10
N PHE B 101 -0.18 -13.74 -7.88
CA PHE B 101 0.10 -14.77 -6.90
C PHE B 101 -0.97 -15.85 -7.00
N LEU B 102 -0.55 -17.07 -7.28
CA LEU B 102 -1.48 -18.17 -7.35
C LEU B 102 -1.42 -18.91 -6.03
N LEU B 103 -2.59 -19.11 -5.43
CA LEU B 103 -2.76 -19.49 -4.06
C LEU B 103 -3.32 -20.88 -3.95
N ARG B 104 -2.93 -21.57 -2.89
CA ARG B 104 -3.51 -22.88 -2.65
C ARG B 104 -3.48 -23.14 -1.15
N ASP B 105 -4.28 -24.13 -0.73
CA ASP B 105 -4.28 -24.60 0.65
C ASP B 105 -4.59 -23.47 1.63
N HIS B 106 -5.67 -22.75 1.34
CA HIS B 106 -6.14 -21.72 2.22
C HIS B 106 -6.59 -22.33 3.55
N GLN B 107 -6.41 -21.57 4.62
CA GLN B 107 -6.73 -22.05 5.95
C GLN B 107 -7.36 -20.89 6.74
N PRO B 108 -8.69 -20.86 6.94
CA PRO B 108 -9.25 -19.89 7.87
C PRO B 108 -8.80 -20.19 9.28
N ILE B 109 -8.57 -19.12 10.05
CA ILE B 109 -8.25 -19.27 11.46
C ILE B 109 -9.07 -18.26 12.26
N ARG B 110 -9.06 -18.40 13.56
CA ARG B 110 -9.64 -17.37 14.35
C ARG B 110 -8.83 -16.11 14.43
N PRO B 111 -9.47 -14.96 14.35
CA PRO B 111 -8.74 -13.73 14.07
C PRO B 111 -7.68 -13.42 15.11
N ILE B 112 -6.50 -13.06 14.64
CA ILE B 112 -5.45 -12.52 15.49
C ILE B 112 -5.49 -11.01 15.31
N ASN B 113 -6.02 -10.32 16.32
CA ASN B 113 -6.27 -8.92 16.14
C ASN B 113 -4.96 -8.13 16.21
N LEU B 114 -5.11 -6.84 15.92
CA LEU B 114 -3.97 -5.98 15.66
C LEU B 114 -3.13 -5.78 16.90
N ASP B 115 -3.78 -5.81 18.06
CA ASP B 115 -3.09 -5.71 19.35
C ASP B 115 -2.19 -6.91 19.58
N GLN B 116 -2.65 -8.09 19.21
CA GLN B 116 -1.77 -9.23 19.40
C GLN B 116 -0.62 -9.21 18.41
N LEU B 117 -0.81 -8.61 17.25
CA LEU B 117 0.28 -8.55 16.29
C LEU B 117 1.33 -7.56 16.73
N LYS B 118 0.92 -6.50 17.42
CA LYS B 118 1.92 -5.55 17.87
C LYS B 118 2.64 -6.08 19.09
N GLU B 119 2.08 -7.05 19.76
CA GLU B 119 2.72 -7.84 20.78
C GLU B 119 3.80 -8.70 20.16
N ILE B 120 3.56 -9.21 18.98
CA ILE B 120 4.55 -10.01 18.28
C ILE B 120 5.60 -9.13 17.62
N ARG B 121 5.17 -8.08 16.95
CA ARG B 121 6.11 -7.13 16.38
C ARG B 121 5.72 -5.73 16.83
N ALA B 122 6.59 -5.13 17.64
CA ALA B 122 6.26 -3.92 18.38
C ALA B 122 5.70 -2.81 17.51
N ASN B 123 6.20 -2.65 16.28
CA ASN B 123 5.76 -1.53 15.47
C ASN B 123 5.11 -1.99 14.19
N PHE B 124 4.26 -3.00 14.33
CA PHE B 124 3.58 -3.56 13.19
C PHE B 124 2.77 -2.48 12.50
N GLN B 125 3.10 -2.20 11.24
CA GLN B 125 2.19 -1.52 10.36
C GLN B 125 1.64 -2.53 9.37
N PRO B 126 0.35 -2.46 9.01
CA PRO B 126 -0.18 -3.30 7.91
C PRO B 126 0.58 -3.06 6.61
N PRO B 127 1.04 -4.13 5.94
CA PRO B 127 1.94 -4.01 4.78
C PRO B 127 1.24 -3.39 3.58
N GLN B 128 1.89 -2.37 3.00
CA GLN B 128 1.51 -1.81 1.71
C GLN B 128 1.70 -2.83 0.59
N ALA B 129 2.70 -3.69 0.73
CA ALA B 129 2.90 -4.79 -0.20
C ALA B 129 2.97 -6.07 0.71
N LEU B 130 4.11 -6.74 0.74
CA LEU B 130 4.32 -7.88 1.62
C LEU B 130 5.30 -7.51 2.72
N THR B 131 5.11 -8.03 3.91
CA THR B 131 6.16 -7.94 4.91
C THR B 131 6.58 -9.35 5.30
N TRP B 132 7.89 -9.52 5.49
CA TRP B 132 8.51 -10.80 5.76
C TRP B 132 8.60 -10.99 7.26
N LEU B 133 8.24 -12.16 7.71
CA LEU B 133 8.24 -12.46 9.12
C LEU B 133 9.54 -13.04 9.58
N ARG B 134 10.05 -12.59 10.71
CA ARG B 134 11.17 -13.25 11.35
C ARG B 134 10.70 -14.52 11.99
N LYS B 135 11.68 -15.38 12.27
CA LYS B 135 11.48 -16.69 12.85
C LYS B 135 10.79 -16.68 14.18
N GLU B 136 11.18 -15.76 15.05
CA GLU B 136 10.54 -15.70 16.35
C GLU B 136 9.14 -15.13 16.25
N GLU B 137 8.90 -14.30 15.23
CA GLU B 137 7.57 -13.82 14.92
C GLU B 137 6.66 -14.93 14.44
N THR B 138 7.16 -15.76 13.53
CA THR B 138 6.34 -16.82 12.93
C THR B 138 5.88 -17.79 14.00
N GLN B 139 6.77 -18.12 14.92
CA GLN B 139 6.43 -19.02 16.00
C GLN B 139 5.28 -18.50 16.86
N LYS B 140 5.29 -17.21 17.21
CA LYS B 140 4.15 -16.63 17.94
C LYS B 140 2.89 -16.60 17.13
N LEU B 141 2.99 -16.22 15.86
CA LEU B 141 1.82 -16.29 15.01
C LEU B 141 1.20 -17.67 15.07
N VAL B 142 2.05 -18.69 14.97
CA VAL B 142 1.61 -20.08 15.00
C VAL B 142 1.06 -20.47 16.37
N SER B 143 1.67 -19.97 17.44
CA SER B 143 1.12 -20.28 18.76
C SER B 143 -0.30 -19.75 18.93
N LEU B 144 -0.64 -18.64 18.28
CA LEU B 144 -1.98 -18.08 18.38
C LEU B 144 -2.97 -18.73 17.44
N THR B 145 -2.49 -19.66 16.67
CA THR B 145 -3.21 -20.37 15.66
C THR B 145 -4.29 -21.30 16.16
N SER B 146 -5.49 -21.04 15.68
CA SER B 146 -6.64 -21.83 15.97
C SER B 146 -7.43 -21.95 14.69
CL CL C . 9.24 -2.59 -14.97
CL CL D . 6.06 -0.85 -16.57
CL CL E . 2.92 -0.72 -5.65
CL CL F . -6.05 -1.20 9.25
#